data_9QF3
#
_entry.id   9QF3
#
_cell.length_a   1.00
_cell.length_b   1.00
_cell.length_c   1.00
_cell.angle_alpha   90.00
_cell.angle_beta   90.00
_cell.angle_gamma   90.00
#
_symmetry.space_group_name_H-M   'P 1'
#
_entity_poly.entity_id   1
_entity_poly.type   'polypeptide(L)'
_entity_poly.pdbx_seq_one_letter_code
;MGATVSDDSSTSASSTAAGSLVEDDGFTWDNANVYFLLTDRFKNGNTANDHSYGRTLDKDGKPLEGWDTNPGTFHGGDFA
GVTQSIEEGYFDNLGVNAIWISAPYEQTHGYCDSGKGFAHYSYHGYYVLDYTETDANFGTKEEFKTLVDTAHEHGIRVIM
DIVMNHTGYNTVADMEQFGFGTLLDGALDFKYKLTDVGEVNDHIDYKTSEEDWGKWWSNDWIRSGLPGYTEGAGGDLTMS
LSGLPDFRTEQTKDVTIPPILKTKWTQEGTYAQKLAKYGDKNTVTGYLSTWLSEWVREYGVDGFRCDTAKHVDKASWNQL
KQACVSALREWRSNNKGKAGADWKEDFWMTGEHWDHGVGYDTYYSEGGFDSMINFAVTGGGALASGSVANTYQGYADKIN
TKEGFNVLSFMSSHDETLTRGDENTMLYNAAAFLLLPGGVQIFYGDETNRPLYPGVAFDGYGGSGHALRSDMNWNDMDKT
LLAQWQKVGQFRNKHVSIGAGANVKLSATSGVAFGRTYDKNGVTDQAAAVIGCNKNSSVTVDVSTLWEDGSYVINTYDNS
SSVVTDGKVTFNSGVNGTILMENADGQPLVSITGEPKFYGTEQVTVSLKECDSAKVSVDGGNKFVVKDGDTFTIGQTAYK
NDTIEVTVEATNDKASSEAKFTFLKLGENDEKPTTSPTQSTTVPGSTASQTSKLTIKSTAGAPNVYAWTGASTALNGAWP
GQKAAAVSGQANTYELTLPVSADKSFSVVLNNGSGSQSGDITGLYDGAVLEIQNGNYASVKTVTNGNQQGGGGEPEPAEG
SVSVTIKPYSPSASYKIYAWNDTQKLTGAWPGVALTEKDSDGNYVVKFDNVDEVSIILSSGSGQTADITGVRDGATIEIT
NEGCTTYKLTSKPIVVSPYESLKKEARKILAMTASDYTAESWANAQKVLKSAEAMIKAGEDATTAEDMNAMIADLKSAQK
ALVLAPATLTYAVVGKSVVSGVTASAAKVTVTVDGKTYTATADDVTGAFTVATSALKGTSTIKVDATRNGVNGTYSYAMK
NGNIENGFVPTSPTLPTQPTTSTQPTTATQPTTATQPTAPTQPTTATEPTTAPAQKLTVNATSNYFGSASKTVSTDGKKV
TVLYKLNSNMGVVDGQWAVKYDSSKLKFNMADNKADGKQTIMPSQSNLIHNAYSNVIKGVFTNPQVPTQYNGDTFISLTF
EVIGSGTASVYLDTQYLTLGYVKGNKLNQASVVNNSKVCDVTGIAGFEKVSVNASTAFVGDVTHHHHHH
;
_entity_poly.pdbx_strand_id   A
#
# COMPACT_ATOMS: atom_id res chain seq x y z
N SER A 15 -17.76 17.79 -9.00
CA SER A 15 -16.90 16.58 -9.11
C SER A 15 -16.75 15.90 -7.77
N THR A 16 -16.50 14.59 -7.81
CA THR A 16 -16.24 13.77 -6.64
C THR A 16 -14.84 13.18 -6.65
N ALA A 17 -13.96 13.72 -7.50
CA ALA A 17 -12.57 13.29 -7.56
C ALA A 17 -11.97 13.08 -6.18
N ALA A 18 -11.41 11.89 -5.98
CA ALA A 18 -10.84 11.46 -4.71
C ALA A 18 -9.93 12.51 -4.09
N GLY A 19 -10.28 12.94 -2.89
CA GLY A 19 -9.78 14.18 -2.30
C GLY A 19 -10.42 15.47 -2.73
N SER A 20 -11.74 15.49 -2.75
CA SER A 20 -12.49 16.71 -3.06
C SER A 20 -13.74 16.82 -2.20
N LEU A 21 -13.86 15.99 -1.17
CA LEU A 21 -14.81 16.18 -0.08
C LEU A 21 -14.31 15.40 1.12
N VAL A 22 -14.90 15.67 2.28
CA VAL A 22 -14.78 14.78 3.42
C VAL A 22 -16.01 13.87 3.48
N GLU A 23 -15.74 12.57 3.49
CA GLU A 23 -16.75 11.54 3.68
C GLU A 23 -17.40 11.61 5.05
N ASP A 24 -18.60 11.03 5.14
CA ASP A 24 -19.43 11.12 6.34
C ASP A 24 -18.65 10.74 7.60
N ASP A 25 -17.77 9.75 7.49
CA ASP A 25 -16.98 9.29 8.62
C ASP A 25 -15.71 10.11 8.84
N GLY A 26 -15.53 11.19 8.10
CA GLY A 26 -14.35 12.02 8.22
C GLY A 26 -13.11 11.57 7.48
N PHE A 27 -13.20 10.53 6.67
CA PHE A 27 -12.07 10.15 5.85
C PHE A 27 -11.92 11.13 4.69
N THR A 28 -10.68 11.39 4.30
CA THR A 28 -10.39 11.98 3.01
C THR A 28 -8.99 11.55 2.60
N TRP A 29 -8.83 11.28 1.32
CA TRP A 29 -7.53 10.88 0.77
C TRP A 29 -6.45 11.94 0.94
N ASP A 30 -6.83 13.17 1.28
CA ASP A 30 -5.84 14.19 1.61
C ASP A 30 -5.17 13.91 2.95
N ASN A 31 -5.86 13.21 3.85
CA ASN A 31 -5.31 12.86 5.16
C ASN A 31 -5.14 11.36 5.30
N ALA A 32 -4.87 10.69 4.18
CA ALA A 32 -4.64 9.26 4.20
C ALA A 32 -3.51 8.91 5.16
N ASN A 33 -3.78 7.96 6.06
CA ASN A 33 -2.79 7.37 6.95
C ASN A 33 -2.75 5.89 6.61
N VAL A 34 -1.92 5.54 5.64
CA VAL A 34 -2.00 4.26 4.95
C VAL A 34 -1.07 3.30 5.66
N TYR A 35 -1.65 2.38 6.43
CA TYR A 35 -0.92 1.23 6.95
C TYR A 35 -0.67 0.29 5.79
N PHE A 36 0.53 0.34 5.24
CA PHE A 36 0.95 -0.66 4.28
C PHE A 36 1.48 -1.87 5.02
N LEU A 37 0.76 -2.97 4.89
CA LEU A 37 1.09 -4.26 5.47
C LEU A 37 1.23 -5.27 4.36
N LEU A 38 2.32 -6.03 4.36
CA LEU A 38 2.36 -7.27 3.59
C LEU A 38 1.54 -8.35 4.29
N THR A 39 0.46 -8.76 3.63
CA THR A 39 -0.50 -9.67 4.24
C THR A 39 0.15 -10.94 4.74
N ASP A 40 1.08 -11.51 3.97
CA ASP A 40 1.80 -12.69 4.42
C ASP A 40 2.50 -12.47 5.76
N ARG A 41 2.95 -11.26 6.04
CA ARG A 41 3.75 -11.00 7.22
C ARG A 41 2.94 -10.66 8.46
N PHE A 42 1.77 -10.03 8.30
CA PHE A 42 0.82 -10.02 9.38
C PHE A 42 0.38 -11.45 9.77
N LYS A 43 -0.43 -11.50 10.83
CA LYS A 43 -0.86 -12.76 11.42
C LYS A 43 -1.29 -13.77 10.38
N ASN A 44 -0.75 -14.98 10.50
CA ASN A 44 -1.32 -16.19 9.89
C ASN A 44 -2.52 -16.61 10.71
N GLY A 45 -3.64 -15.94 10.46
CA GLY A 45 -4.86 -16.13 11.22
C GLY A 45 -5.64 -17.38 10.87
N ASN A 46 -5.26 -18.08 9.80
CA ASN A 46 -5.85 -19.37 9.45
C ASN A 46 -4.72 -20.26 8.97
N THR A 47 -4.25 -21.14 9.86
CA THR A 47 -3.14 -22.03 9.55
C THR A 47 -3.43 -22.99 8.42
N ALA A 48 -4.68 -23.13 7.99
CA ALA A 48 -4.95 -23.97 6.83
C ALA A 48 -4.50 -23.30 5.54
N ASN A 49 -4.47 -21.98 5.52
CA ASN A 49 -4.14 -21.25 4.29
C ASN A 49 -2.72 -21.54 3.83
N ASP A 50 -1.81 -21.75 4.78
CA ASP A 50 -0.41 -22.02 4.45
C ASP A 50 -0.30 -23.17 3.46
N HIS A 51 -1.28 -24.06 3.46
CA HIS A 51 -1.32 -25.18 2.54
C HIS A 51 -1.54 -24.76 1.09
N SER A 52 -2.14 -23.59 0.88
CA SER A 52 -2.76 -23.30 -0.42
C SER A 52 -1.78 -23.43 -1.57
N TYR A 53 -2.28 -24.03 -2.65
CA TYR A 53 -1.54 -24.34 -3.87
C TYR A 53 -0.29 -25.19 -3.64
N GLY A 54 -0.16 -25.83 -2.48
CA GLY A 54 1.04 -26.60 -2.21
C GLY A 54 2.29 -25.79 -2.00
N ARG A 55 2.17 -24.57 -1.49
CA ARG A 55 3.30 -23.65 -1.43
C ARG A 55 4.39 -24.12 -0.47
N THR A 56 4.07 -24.14 0.82
CA THR A 56 5.04 -24.30 1.88
C THR A 56 5.35 -25.75 2.19
N LEU A 57 4.72 -26.69 1.48
CA LEU A 57 4.66 -28.07 1.88
C LEU A 57 5.74 -28.87 1.16
N ASP A 58 6.12 -29.99 1.77
CA ASP A 58 6.94 -30.98 1.10
C ASP A 58 6.11 -31.97 0.29
N LYS A 59 6.81 -32.96 -0.29
CA LYS A 59 6.16 -33.99 -1.09
C LYS A 59 5.16 -34.82 -0.29
N ASP A 60 5.24 -34.81 1.03
CA ASP A 60 4.25 -35.47 1.87
C ASP A 60 3.11 -34.54 2.26
N GLY A 61 3.21 -33.25 1.93
CA GLY A 61 2.23 -32.30 2.38
C GLY A 61 2.47 -31.79 3.77
N LYS A 62 3.71 -31.91 4.28
CA LYS A 62 4.06 -31.40 5.59
C LYS A 62 4.78 -30.08 5.43
N PRO A 63 4.45 -29.05 6.20
CA PRO A 63 5.19 -27.79 6.11
C PRO A 63 6.70 -28.00 6.26
N LEU A 64 7.46 -27.37 5.37
CA LEU A 64 8.91 -27.43 5.44
C LEU A 64 9.41 -26.71 6.70
N GLU A 65 10.53 -27.22 7.23
CA GLU A 65 10.97 -26.85 8.57
C GLU A 65 11.03 -25.34 8.76
N GLY A 66 11.69 -24.64 7.86
CA GLY A 66 11.85 -23.21 8.03
C GLY A 66 10.75 -22.35 7.47
N TRP A 67 9.65 -22.96 7.01
CA TRP A 67 8.74 -22.26 6.12
C TRP A 67 8.33 -20.90 6.68
N ASP A 68 8.15 -20.79 7.98
CA ASP A 68 7.70 -19.55 8.62
C ASP A 68 8.84 -18.57 8.92
N THR A 69 10.09 -19.00 8.80
CA THR A 69 11.25 -18.14 9.09
C THR A 69 11.96 -17.63 7.85
N ASN A 70 11.97 -18.40 6.77
CA ASN A 70 12.62 -18.00 5.53
C ASN A 70 12.06 -16.67 5.03
N PRO A 71 12.90 -15.66 4.78
CA PRO A 71 12.43 -14.28 4.60
C PRO A 71 11.77 -13.99 3.25
N GLY A 72 11.49 -15.00 2.43
CA GLY A 72 10.68 -14.78 1.23
C GLY A 72 9.59 -15.81 1.02
N THR A 73 9.53 -16.82 1.87
CA THR A 73 8.43 -17.76 1.85
C THR A 73 7.19 -17.11 2.46
N PHE A 74 6.02 -17.62 2.09
CA PHE A 74 4.82 -17.27 2.84
C PHE A 74 4.89 -17.75 4.28
N HIS A 75 5.07 -16.81 5.21
CA HIS A 75 4.86 -17.09 6.62
C HIS A 75 3.41 -17.45 6.92
N GLY A 76 2.50 -17.25 5.99
CA GLY A 76 1.11 -17.64 6.14
C GLY A 76 0.16 -16.55 6.54
N GLY A 77 0.63 -15.32 6.71
CA GLY A 77 -0.26 -14.21 6.99
C GLY A 77 -1.36 -14.07 5.96
N ASP A 78 -2.59 -13.85 6.40
CA ASP A 78 -3.77 -14.14 5.58
C ASP A 78 -4.86 -13.14 5.89
N PHE A 79 -5.83 -13.05 4.98
CA PHE A 79 -7.02 -12.22 5.23
C PHE A 79 -7.59 -12.46 6.62
N ALA A 80 -7.64 -13.72 7.05
CA ALA A 80 -8.21 -14.02 8.36
C ALA A 80 -7.40 -13.40 9.50
N GLY A 81 -6.07 -13.42 9.39
CA GLY A 81 -5.27 -12.81 10.44
C GLY A 81 -5.14 -11.30 10.31
N VAL A 82 -5.17 -10.78 9.09
CA VAL A 82 -5.49 -9.38 8.90
C VAL A 82 -6.85 -9.05 9.52
N THR A 83 -7.87 -9.84 9.20
CA THR A 83 -9.15 -9.69 9.86
C THR A 83 -9.00 -9.70 11.37
N GLN A 84 -8.28 -10.67 11.91
CA GLN A 84 -8.03 -10.69 13.35
C GLN A 84 -7.30 -9.45 13.82
N SER A 85 -6.28 -9.01 13.06
CA SER A 85 -5.65 -7.73 13.37
C SER A 85 -6.64 -6.58 13.42
N ILE A 86 -7.52 -6.49 12.43
CA ILE A 86 -8.63 -5.53 12.49
C ILE A 86 -9.55 -5.83 13.68
N GLU A 87 -10.04 -7.06 13.78
CA GLU A 87 -10.84 -7.43 14.95
C GLU A 87 -10.15 -7.07 16.27
N GLU A 88 -8.87 -7.42 16.41
CA GLU A 88 -8.08 -6.93 17.54
C GLU A 88 -8.05 -5.41 17.63
N GLY A 89 -8.39 -4.72 16.55
CA GLY A 89 -8.26 -3.28 16.46
C GLY A 89 -6.84 -2.74 16.43
N TYR A 90 -5.88 -3.54 16.02
CA TYR A 90 -4.49 -3.10 15.95
C TYR A 90 -4.40 -1.75 15.25
N PHE A 91 -4.85 -1.70 14.00
CA PHE A 91 -4.95 -0.48 13.22
C PHE A 91 -5.77 0.59 13.94
N ASP A 92 -6.90 0.22 14.52
CA ASP A 92 -7.73 1.23 15.19
C ASP A 92 -6.96 1.90 16.32
N ASN A 93 -6.11 1.17 17.02
CA ASN A 93 -5.23 1.79 18.00
C ASN A 93 -4.18 2.69 17.35
N LEU A 94 -3.78 2.40 16.12
CA LEU A 94 -2.86 3.29 15.41
C LEU A 94 -3.56 4.44 14.71
N GLY A 95 -4.89 4.50 14.72
CA GLY A 95 -5.57 5.51 13.93
C GLY A 95 -5.32 5.40 12.45
N VAL A 96 -4.99 4.21 11.96
CA VAL A 96 -4.92 3.98 10.53
C VAL A 96 -6.31 4.09 9.94
N ASN A 97 -6.39 4.68 8.75
CA ASN A 97 -7.66 4.85 8.08
C ASN A 97 -7.67 4.27 6.67
N ALA A 98 -6.53 3.89 6.13
CA ALA A 98 -6.49 3.03 4.95
C ALA A 98 -5.51 1.91 5.22
N ILE A 99 -5.90 0.69 4.86
CA ILE A 99 -4.98 -0.44 4.77
C ILE A 99 -4.65 -0.64 3.31
N TRP A 100 -3.37 -0.52 3.03
CA TRP A 100 -2.78 -0.95 1.77
C TRP A 100 -2.33 -2.39 1.98
N ILE A 101 -3.18 -3.33 1.61
CA ILE A 101 -2.82 -4.74 1.51
C ILE A 101 -2.03 -5.01 0.24
N SER A 102 -1.06 -5.91 0.35
CA SER A 102 -0.63 -6.68 -0.79
C SER A 102 -1.84 -7.19 -1.59
N ALA A 103 -1.72 -7.13 -2.91
CA ALA A 103 -2.87 -7.30 -3.78
C ALA A 103 -3.60 -8.60 -3.46
N PRO A 104 -4.93 -8.58 -3.31
CA PRO A 104 -5.67 -9.76 -2.88
C PRO A 104 -5.99 -10.76 -3.98
N TYR A 105 -6.07 -10.29 -5.21
CA TYR A 105 -6.33 -11.19 -6.33
C TYR A 105 -5.32 -12.32 -6.32
N GLU A 106 -5.63 -13.40 -7.02
CA GLU A 106 -4.82 -14.61 -6.95
C GLU A 106 -3.44 -14.33 -7.49
N GLN A 107 -2.45 -14.37 -6.60
CA GLN A 107 -1.08 -14.21 -7.00
C GLN A 107 -0.59 -15.46 -7.70
N THR A 108 0.48 -15.29 -8.44
CA THR A 108 1.41 -16.37 -8.74
C THR A 108 1.54 -17.35 -7.58
N HIS A 109 1.27 -18.62 -7.85
CA HIS A 109 1.24 -19.62 -6.77
C HIS A 109 2.63 -19.87 -6.18
N GLY A 110 3.63 -20.08 -7.02
CA GLY A 110 4.97 -20.41 -6.53
C GLY A 110 5.85 -19.24 -6.17
N TYR A 111 7.15 -19.46 -6.32
CA TYR A 111 8.19 -18.53 -5.92
C TYR A 111 9.18 -18.29 -7.06
N CYS A 112 9.74 -17.08 -7.08
CA CYS A 112 10.94 -16.76 -7.85
C CYS A 112 12.18 -16.72 -6.96
N ASP A 113 13.33 -17.01 -7.57
CA ASP A 113 14.64 -16.79 -6.96
C ASP A 113 14.85 -15.38 -6.45
N SER A 114 14.95 -15.22 -5.13
CA SER A 114 15.22 -13.92 -4.56
C SER A 114 16.60 -13.42 -4.92
N GLY A 115 17.48 -14.29 -5.41
CA GLY A 115 18.89 -13.99 -5.54
C GLY A 115 19.66 -13.88 -4.25
N LYS A 116 19.03 -13.43 -3.17
CA LYS A 116 19.60 -13.58 -1.85
C LYS A 116 19.51 -15.02 -1.35
N GLY A 117 19.32 -15.98 -2.26
CA GLY A 117 19.28 -17.39 -1.95
C GLY A 117 17.94 -17.97 -1.53
N PHE A 118 17.08 -17.19 -0.88
CA PHE A 118 15.82 -17.75 -0.42
C PHE A 118 14.75 -17.71 -1.52
N ALA A 119 13.69 -18.51 -1.30
CA ALA A 119 12.50 -18.48 -2.14
C ALA A 119 11.73 -17.19 -1.94
N HIS A 120 11.42 -16.51 -3.04
CA HIS A 120 10.62 -15.28 -3.03
C HIS A 120 9.19 -15.58 -3.49
N TYR A 121 8.38 -16.10 -2.57
CA TYR A 121 7.08 -16.72 -2.89
C TYR A 121 6.01 -15.75 -3.37
N SER A 122 6.21 -14.51 -3.77
CA SER A 122 5.14 -13.54 -4.02
C SER A 122 4.39 -13.15 -2.77
N TYR A 123 4.99 -13.37 -1.60
CA TYR A 123 4.34 -13.06 -0.34
C TYR A 123 3.83 -11.63 -0.30
N HIS A 124 4.45 -10.76 -1.09
CA HIS A 124 4.15 -9.34 -1.14
C HIS A 124 2.92 -9.01 -1.98
N GLY A 125 2.43 -9.95 -2.77
CA GLY A 125 1.24 -9.73 -3.56
C GLY A 125 1.33 -8.71 -4.68
N TYR A 126 2.39 -8.78 -5.49
CA TYR A 126 2.44 -8.01 -6.72
C TYR A 126 2.30 -8.91 -7.94
N TYR A 127 2.86 -10.12 -7.87
CA TYR A 127 2.98 -11.02 -9.02
C TYR A 127 1.61 -11.64 -9.28
N VAL A 128 0.79 -10.90 -10.03
CA VAL A 128 -0.55 -11.35 -10.37
C VAL A 128 -0.53 -12.65 -11.17
N LEU A 129 -1.51 -13.50 -10.89
CA LEU A 129 -1.95 -14.56 -11.77
C LEU A 129 -3.33 -14.36 -12.35
N ASP A 130 -4.32 -13.95 -11.55
CA ASP A 130 -5.68 -13.81 -12.07
C ASP A 130 -6.44 -12.78 -11.26
N TYR A 131 -6.72 -11.64 -11.89
CA TYR A 131 -7.48 -10.57 -11.27
C TYR A 131 -8.90 -10.98 -10.89
N THR A 132 -9.38 -12.15 -11.30
CA THR A 132 -10.73 -12.59 -10.96
C THR A 132 -10.81 -13.40 -9.67
N GLU A 133 -9.72 -14.06 -9.28
CA GLU A 133 -9.74 -14.97 -8.14
C GLU A 133 -8.89 -14.41 -7.02
N THR A 134 -9.26 -14.76 -5.79
CA THR A 134 -8.38 -14.49 -4.65
C THR A 134 -7.28 -15.54 -4.56
N ASP A 135 -6.15 -15.13 -4.01
CA ASP A 135 -5.11 -16.06 -3.60
C ASP A 135 -5.57 -16.87 -2.40
N ALA A 136 -5.65 -18.19 -2.56
CA ALA A 136 -6.15 -19.08 -1.52
C ALA A 136 -5.26 -19.09 -0.29
N ASN A 137 -4.03 -18.58 -0.37
CA ASN A 137 -3.23 -18.39 0.84
C ASN A 137 -3.69 -17.18 1.63
N PHE A 138 -4.13 -16.13 0.96
CA PHE A 138 -4.80 -15.06 1.67
C PHE A 138 -6.21 -15.49 2.06
N GLY A 139 -6.90 -16.18 1.17
CA GLY A 139 -8.15 -16.83 1.51
C GLY A 139 -9.12 -16.88 0.34
N THR A 140 -10.32 -17.36 0.65
CA THR A 140 -11.46 -17.28 -0.24
C THR A 140 -11.90 -15.84 -0.48
N LYS A 141 -12.67 -15.65 -1.57
CA LYS A 141 -13.39 -14.40 -1.79
C LYS A 141 -14.30 -14.05 -0.61
N GLU A 142 -14.90 -15.06 0.01
CA GLU A 142 -15.73 -14.84 1.19
C GLU A 142 -14.93 -14.24 2.34
N GLU A 143 -13.79 -14.85 2.68
CA GLU A 143 -12.91 -14.20 3.65
C GLU A 143 -12.46 -12.83 3.16
N PHE A 144 -12.10 -12.72 1.89
CA PHE A 144 -11.81 -11.40 1.33
C PHE A 144 -13.01 -10.48 1.41
N LYS A 145 -14.17 -10.94 0.94
CA LYS A 145 -15.40 -10.21 1.21
C LYS A 145 -15.54 -9.87 2.70
N THR A 146 -15.38 -10.88 3.55
CA THR A 146 -15.36 -10.66 5.00
C THR A 146 -14.32 -9.61 5.38
N LEU A 147 -13.10 -9.77 4.91
CA LEU A 147 -12.05 -8.78 5.18
C LEU A 147 -12.48 -7.38 4.77
N VAL A 148 -12.78 -7.18 3.49
CA VAL A 148 -13.19 -5.85 3.03
C VAL A 148 -14.44 -5.40 3.76
N ASP A 149 -15.39 -6.29 3.99
CA ASP A 149 -16.50 -5.96 4.87
C ASP A 149 -16.02 -5.61 6.27
N THR A 150 -15.16 -6.43 6.85
CA THR A 150 -14.54 -6.08 8.12
C THR A 150 -13.84 -4.73 8.04
N ALA A 151 -12.98 -4.54 7.06
CA ALA A 151 -12.33 -3.25 6.90
C ALA A 151 -13.34 -2.12 6.76
N HIS A 152 -14.27 -2.25 5.82
CA HIS A 152 -15.31 -1.24 5.69
C HIS A 152 -16.15 -1.10 6.96
N GLU A 153 -16.44 -2.20 7.63
CA GLU A 153 -17.08 -2.13 8.96
C GLU A 153 -16.29 -1.26 9.93
N HIS A 154 -14.98 -1.42 9.97
CA HIS A 154 -14.10 -0.53 10.71
C HIS A 154 -13.93 0.84 10.06
N GLY A 155 -14.50 1.07 8.88
CA GLY A 155 -14.24 2.28 8.13
C GLY A 155 -12.86 2.39 7.52
N ILE A 156 -12.06 1.33 7.55
CA ILE A 156 -10.76 1.38 6.91
C ILE A 156 -10.96 1.20 5.41
N ARG A 157 -10.43 2.14 4.64
CA ARG A 157 -10.40 1.97 3.19
C ARG A 157 -9.41 0.88 2.83
N VAL A 158 -9.86 -0.11 2.07
CA VAL A 158 -8.98 -1.14 1.54
C VAL A 158 -8.37 -0.62 0.23
N ILE A 159 -7.15 -0.12 0.33
CA ILE A 159 -6.32 0.13 -0.85
C ILE A 159 -5.76 -1.20 -1.34
N MET A 160 -6.05 -1.54 -2.59
CA MET A 160 -5.82 -2.88 -3.10
C MET A 160 -4.45 -3.09 -3.71
N ASP A 161 -3.59 -2.08 -3.75
CA ASP A 161 -2.22 -2.26 -4.20
C ASP A 161 -2.09 -2.98 -5.53
N ILE A 162 -2.96 -2.64 -6.49
CA ILE A 162 -2.97 -3.43 -7.72
C ILE A 162 -1.74 -3.15 -8.55
N VAL A 163 -1.46 -4.06 -9.47
CA VAL A 163 -0.58 -3.83 -10.61
C VAL A 163 -1.43 -3.86 -11.87
N MET A 164 -1.41 -2.77 -12.64
CA MET A 164 -1.78 -2.84 -14.05
C MET A 164 -0.56 -2.81 -14.97
N ASN A 165 0.61 -2.46 -14.47
CA ASN A 165 1.80 -2.40 -15.32
C ASN A 165 2.19 -3.79 -15.81
N HIS A 166 2.42 -4.71 -14.89
CA HIS A 166 3.14 -5.93 -15.19
C HIS A 166 2.44 -7.13 -14.60
N THR A 167 2.68 -8.29 -15.21
CA THR A 167 2.26 -9.56 -14.66
C THR A 167 3.19 -9.97 -13.53
N GLY A 168 2.78 -10.96 -12.76
CA GLY A 168 3.72 -11.72 -11.97
C GLY A 168 4.74 -12.44 -12.83
N TYR A 169 5.87 -12.77 -12.20
CA TYR A 169 6.77 -13.72 -12.80
C TYR A 169 6.09 -15.08 -12.90
N ASN A 170 6.45 -15.83 -13.93
CA ASN A 170 6.10 -17.24 -13.99
C ASN A 170 6.87 -18.05 -12.96
N THR A 171 6.19 -19.03 -12.37
CA THR A 171 6.77 -19.90 -11.35
C THR A 171 6.34 -21.34 -11.57
N VAL A 172 7.21 -22.24 -11.12
CA VAL A 172 7.06 -23.69 -11.27
C VAL A 172 5.64 -24.13 -10.94
N ALA A 173 5.12 -23.73 -9.77
CA ALA A 173 3.82 -24.23 -9.36
C ALA A 173 2.70 -23.86 -10.34
N ASP A 174 2.68 -22.60 -10.80
CA ASP A 174 1.76 -22.21 -11.86
C ASP A 174 2.03 -22.97 -13.14
N MET A 175 3.28 -22.96 -13.62
CA MET A 175 3.58 -23.55 -14.91
C MET A 175 3.33 -25.05 -14.94
N GLU A 176 3.45 -25.72 -13.80
CA GLU A 176 2.86 -27.04 -13.63
C GLU A 176 1.36 -27.01 -13.79
N GLN A 177 0.69 -26.32 -12.85
CA GLN A 177 -0.75 -26.40 -12.74
C GLN A 177 -1.45 -26.00 -14.03
N PHE A 178 -0.97 -24.94 -14.69
CA PHE A 178 -1.62 -24.46 -15.90
C PHE A 178 -0.87 -24.85 -17.16
N GLY A 179 0.22 -25.59 -17.05
CA GLY A 179 0.90 -26.12 -18.22
C GLY A 179 1.48 -25.07 -19.16
N PHE A 180 1.48 -23.81 -18.75
CA PHE A 180 2.04 -22.76 -19.59
C PHE A 180 3.54 -22.63 -19.38
N GLY A 181 4.21 -22.13 -20.39
CA GLY A 181 5.64 -22.09 -20.44
C GLY A 181 6.19 -23.50 -20.31
N THR A 182 7.51 -23.57 -20.17
CA THR A 182 8.20 -24.84 -20.05
C THR A 182 8.89 -24.94 -18.70
N LEU A 183 8.49 -25.90 -17.89
CA LEU A 183 9.27 -26.36 -16.74
C LEU A 183 10.23 -27.46 -17.15
N LEU A 184 11.51 -27.23 -16.92
CA LEU A 184 12.51 -28.26 -17.11
C LEU A 184 12.45 -29.26 -15.96
N ASP A 185 13.13 -30.39 -16.16
CA ASP A 185 13.26 -31.42 -15.15
C ASP A 185 13.78 -30.89 -13.81
N GLY A 186 13.19 -31.42 -12.74
CA GLY A 186 13.43 -31.07 -11.36
C GLY A 186 12.91 -29.72 -10.90
N ALA A 187 12.30 -28.94 -11.78
CA ALA A 187 11.69 -27.69 -11.34
C ALA A 187 10.83 -27.91 -10.11
N LEU A 188 9.95 -28.91 -10.19
CA LEU A 188 8.98 -29.22 -9.14
C LEU A 188 9.60 -29.37 -7.76
N ASP A 189 10.70 -30.13 -7.65
CA ASP A 189 11.35 -30.29 -6.36
C ASP A 189 11.66 -28.95 -5.70
N PHE A 190 12.10 -27.98 -6.48
CA PHE A 190 12.26 -26.62 -5.98
C PHE A 190 11.01 -26.11 -5.29
N LYS A 191 9.83 -26.57 -5.68
CA LYS A 191 8.65 -26.12 -4.97
C LYS A 191 8.75 -26.45 -3.49
N TYR A 192 9.54 -27.46 -3.15
CA TYR A 192 9.70 -27.93 -1.77
C TYR A 192 10.95 -27.39 -1.10
N LYS A 193 11.46 -26.24 -1.56
CA LYS A 193 12.71 -25.68 -1.04
C LYS A 193 12.50 -24.23 -0.64
N LEU A 194 13.07 -23.87 0.50
CA LEU A 194 13.00 -22.52 1.04
C LEU A 194 14.25 -21.71 0.72
N THR A 195 15.41 -22.37 0.69
CA THR A 195 16.70 -21.72 0.78
C THR A 195 17.65 -22.39 -0.20
N ASP A 196 18.59 -21.62 -0.73
CA ASP A 196 19.45 -22.07 -1.82
C ASP A 196 18.67 -22.38 -3.08
N VAL A 197 17.73 -21.49 -3.43
CA VAL A 197 16.80 -21.68 -4.51
C VAL A 197 17.06 -20.76 -5.68
N GLY A 198 18.11 -19.95 -5.63
CA GLY A 198 18.53 -19.18 -6.79
C GLY A 198 18.75 -19.99 -8.05
N GLU A 199 18.99 -21.29 -7.92
CA GLU A 199 18.98 -22.17 -9.08
C GLU A 199 17.62 -22.23 -9.80
N VAL A 200 16.53 -21.99 -9.08
CA VAL A 200 15.17 -22.27 -9.59
C VAL A 200 14.94 -21.84 -11.04
N ASN A 201 15.22 -20.58 -11.36
CA ASN A 201 15.07 -20.11 -12.73
C ASN A 201 15.87 -20.94 -13.73
N ASP A 202 16.97 -21.57 -13.31
CA ASP A 202 17.68 -22.42 -14.27
C ASP A 202 16.82 -23.58 -14.76
N HIS A 203 15.71 -23.87 -14.08
CA HIS A 203 14.75 -24.89 -14.49
C HIS A 203 13.60 -24.36 -15.32
N ILE A 204 13.41 -23.04 -15.40
CA ILE A 204 12.29 -22.44 -16.12
C ILE A 204 12.81 -21.91 -17.45
N ASP A 205 12.21 -22.35 -18.55
CA ASP A 205 12.70 -22.07 -19.91
C ASP A 205 11.84 -20.98 -20.56
N TYR A 206 12.31 -19.74 -20.46
CA TYR A 206 11.67 -18.55 -20.99
C TYR A 206 11.83 -18.37 -22.51
N LYS A 207 12.15 -19.39 -23.31
CA LYS A 207 12.52 -19.12 -24.69
C LYS A 207 11.96 -20.06 -25.76
N THR A 208 11.99 -21.36 -25.50
CA THR A 208 11.97 -22.33 -26.61
C THR A 208 10.68 -22.29 -27.42
N SER A 209 9.52 -22.04 -26.82
CA SER A 209 8.28 -22.11 -27.58
C SER A 209 7.33 -20.96 -27.29
N GLU A 210 6.86 -20.33 -28.37
CA GLU A 210 5.80 -19.31 -28.32
C GLU A 210 4.46 -19.87 -27.91
N GLU A 211 4.23 -21.17 -28.13
CA GLU A 211 2.94 -21.79 -27.82
C GLU A 211 2.80 -22.15 -26.35
N ASP A 212 3.85 -22.70 -25.76
CA ASP A 212 3.81 -22.94 -24.32
C ASP A 212 3.66 -21.63 -23.58
N TRP A 213 4.49 -20.65 -23.92
CA TRP A 213 4.27 -19.31 -23.39
C TRP A 213 3.03 -18.67 -23.99
N GLY A 214 2.64 -19.11 -25.20
CA GLY A 214 1.35 -18.71 -25.75
C GLY A 214 0.20 -18.99 -24.81
N LYS A 215 0.25 -20.11 -24.10
CA LYS A 215 -0.73 -20.38 -23.07
C LYS A 215 -0.65 -19.40 -21.91
N TRP A 216 0.38 -18.56 -21.82
CA TRP A 216 0.44 -17.56 -20.78
C TRP A 216 0.08 -16.20 -21.33
N TRP A 217 -0.88 -15.55 -20.66
CA TRP A 217 -1.51 -14.31 -21.08
C TRP A 217 -1.72 -14.31 -22.59
N SER A 218 -1.20 -13.33 -23.31
CA SER A 218 -0.95 -13.50 -24.72
C SER A 218 0.02 -12.41 -25.18
N ASN A 219 0.63 -12.62 -26.34
CA ASN A 219 1.41 -11.53 -26.93
C ASN A 219 0.57 -10.29 -27.09
N ASP A 220 -0.73 -10.45 -27.32
CA ASP A 220 -1.65 -9.33 -27.38
C ASP A 220 -1.90 -8.75 -26.00
N TRP A 221 -1.43 -9.41 -24.97
CA TRP A 221 -1.66 -9.05 -23.59
C TRP A 221 -0.36 -8.65 -22.89
N ILE A 222 0.75 -9.32 -23.22
CA ILE A 222 2.05 -9.06 -22.64
C ILE A 222 2.98 -8.45 -23.70
N ARG A 223 3.76 -7.46 -23.29
CA ARG A 223 5.06 -7.17 -23.90
C ARG A 223 6.15 -7.63 -22.96
N SER A 224 7.07 -8.46 -23.45
CA SER A 224 8.13 -9.00 -22.62
C SER A 224 9.14 -9.68 -23.52
N GLY A 225 10.21 -10.19 -22.92
CA GLY A 225 11.16 -11.01 -23.63
C GLY A 225 10.68 -12.40 -23.93
N LEU A 226 9.48 -12.76 -23.48
CA LEU A 226 8.97 -14.09 -23.74
C LEU A 226 8.78 -14.27 -25.24
N PRO A 227 8.85 -15.51 -25.73
CA PRO A 227 8.93 -15.69 -27.19
C PRO A 227 7.61 -15.33 -27.85
N GLY A 228 7.69 -14.36 -28.76
CA GLY A 228 6.54 -13.54 -29.13
C GLY A 228 6.48 -12.31 -28.26
N TYR A 229 5.30 -12.01 -27.71
CA TYR A 229 5.17 -11.17 -26.53
C TYR A 229 5.90 -9.83 -26.66
N THR A 230 6.08 -9.35 -27.89
CA THR A 230 7.15 -8.42 -28.24
C THR A 230 7.30 -7.32 -27.19
N GLU A 231 8.56 -7.04 -26.82
CA GLU A 231 8.89 -6.01 -25.84
C GLU A 231 8.33 -4.65 -26.23
N GLY A 232 8.15 -3.80 -25.22
CA GLY A 232 7.74 -2.44 -25.47
C GLY A 232 8.87 -1.58 -26.02
N ALA A 233 8.47 -0.44 -26.60
CA ALA A 233 9.38 0.34 -27.42
C ALA A 233 10.53 0.96 -26.62
N GLY A 234 10.29 1.36 -25.38
CA GLY A 234 11.34 2.03 -24.63
C GLY A 234 11.03 2.18 -23.16
N GLY A 235 11.71 3.13 -22.55
CA GLY A 235 11.58 3.36 -21.13
C GLY A 235 10.22 3.88 -20.72
N ASP A 236 10.07 4.03 -19.40
CA ASP A 236 8.81 4.42 -18.78
C ASP A 236 7.64 3.60 -19.27
N LEU A 237 6.75 4.22 -20.04
CA LEU A 237 5.45 3.63 -20.33
C LEU A 237 5.52 2.29 -21.04
N THR A 238 6.71 1.83 -21.43
CA THR A 238 6.79 0.64 -22.26
C THR A 238 7.93 -0.29 -21.86
N MET A 239 8.50 -0.13 -20.66
CA MET A 239 9.63 -0.93 -20.23
C MET A 239 9.17 -1.98 -19.22
N SER A 240 9.74 -3.18 -19.36
CA SER A 240 9.51 -4.30 -18.44
C SER A 240 10.30 -4.06 -17.16
N LEU A 241 9.71 -3.27 -16.27
CA LEU A 241 10.36 -2.94 -15.01
C LEU A 241 10.73 -4.20 -14.25
N SER A 242 11.97 -4.24 -13.76
CA SER A 242 12.51 -5.39 -13.03
C SER A 242 12.41 -6.69 -13.81
N GLY A 243 12.28 -6.62 -15.13
CA GLY A 243 12.03 -7.82 -15.90
C GLY A 243 10.63 -8.39 -15.76
N LEU A 244 9.75 -7.69 -15.06
CA LEU A 244 8.35 -8.10 -15.01
C LEU A 244 7.70 -7.87 -16.37
N PRO A 245 7.05 -8.88 -16.96
CA PRO A 245 6.30 -8.64 -18.21
C PRO A 245 5.25 -7.56 -18.03
N ASP A 246 5.11 -6.70 -19.05
CA ASP A 246 4.35 -5.46 -18.94
C ASP A 246 3.09 -5.56 -19.77
N PHE A 247 1.95 -5.16 -19.20
CA PHE A 247 0.69 -5.21 -19.94
C PHE A 247 0.68 -4.17 -21.04
N ARG A 248 0.27 -4.59 -22.24
CA ARG A 248 0.16 -3.67 -23.35
C ARG A 248 -1.05 -2.77 -23.17
N THR A 249 -1.17 -2.12 -22.01
CA THR A 249 -2.29 -1.21 -21.76
C THR A 249 -2.26 -0.01 -22.69
N GLU A 250 -1.13 0.23 -23.35
CA GLU A 250 -1.07 1.21 -24.42
C GLU A 250 -2.07 0.93 -25.53
N GLN A 251 -2.47 -0.34 -25.68
CA GLN A 251 -2.97 -0.87 -26.94
C GLN A 251 -4.50 -0.84 -26.97
N THR A 252 -5.05 -0.22 -28.02
CA THR A 252 -6.49 -0.21 -28.31
C THR A 252 -6.99 -1.49 -28.99
N LYS A 253 -6.10 -2.30 -29.54
CA LYS A 253 -6.51 -3.56 -30.15
C LYS A 253 -7.38 -4.37 -29.21
N ASP A 254 -8.51 -4.84 -29.75
CA ASP A 254 -9.36 -5.85 -29.13
C ASP A 254 -8.70 -7.21 -29.03
N VAL A 255 -8.81 -7.84 -27.86
CA VAL A 255 -8.22 -9.14 -27.59
C VAL A 255 -9.25 -10.02 -26.92
N THR A 256 -9.01 -11.33 -26.96
CA THR A 256 -9.70 -12.30 -26.13
C THR A 256 -9.16 -12.33 -24.70
N ILE A 257 -9.88 -13.06 -23.85
CA ILE A 257 -9.35 -13.68 -22.65
C ILE A 257 -8.04 -14.40 -22.92
N PRO A 258 -7.04 -14.27 -22.06
CA PRO A 258 -5.72 -14.85 -22.32
C PRO A 258 -5.74 -16.36 -22.27
N PRO A 259 -5.01 -17.01 -23.16
CA PRO A 259 -4.80 -18.45 -23.07
C PRO A 259 -4.62 -19.12 -21.72
N ILE A 260 -3.85 -18.52 -20.80
CA ILE A 260 -3.75 -19.10 -19.47
C ILE A 260 -5.12 -19.12 -18.81
N LEU A 261 -5.93 -18.10 -19.05
CA LEU A 261 -7.23 -18.02 -18.42
C LEU A 261 -8.34 -18.73 -19.20
N LYS A 262 -8.19 -18.97 -20.50
CA LYS A 262 -8.89 -20.11 -21.08
C LYS A 262 -8.63 -21.36 -20.25
N THR A 263 -7.35 -21.66 -20.00
CA THR A 263 -7.00 -22.86 -19.26
C THR A 263 -7.54 -22.84 -17.84
N LYS A 264 -7.12 -21.87 -17.04
CA LYS A 264 -7.52 -21.82 -15.64
C LYS A 264 -9.03 -21.98 -15.45
N TRP A 265 -9.82 -21.05 -15.98
CA TRP A 265 -11.27 -21.09 -15.79
C TRP A 265 -11.95 -22.34 -16.32
N THR A 266 -11.30 -23.09 -17.21
CA THR A 266 -11.85 -24.36 -17.67
C THR A 266 -11.46 -25.53 -16.79
N GLN A 267 -10.33 -25.47 -16.10
CA GLN A 267 -10.12 -26.36 -14.96
C GLN A 267 -11.15 -26.17 -13.87
N GLU A 268 -11.32 -24.94 -13.38
CA GLU A 268 -12.62 -24.58 -12.83
C GLU A 268 -13.72 -24.68 -13.89
N GLY A 269 -14.96 -24.57 -13.44
CA GLY A 269 -16.13 -24.37 -14.29
C GLY A 269 -16.60 -22.96 -14.63
N THR A 270 -16.16 -21.95 -13.89
CA THR A 270 -16.73 -20.61 -14.01
C THR A 270 -16.46 -19.96 -15.36
N TYR A 271 -15.55 -20.52 -16.16
CA TYR A 271 -15.21 -19.95 -17.47
C TYR A 271 -16.40 -19.37 -18.20
N ALA A 272 -17.39 -20.20 -18.50
CA ALA A 272 -18.54 -19.75 -19.26
C ALA A 272 -19.31 -18.65 -18.55
N GLN A 273 -19.45 -18.74 -17.23
CA GLN A 273 -20.07 -17.62 -16.51
C GLN A 273 -19.28 -16.32 -16.69
N LYS A 274 -17.96 -16.39 -16.62
CA LYS A 274 -17.12 -15.19 -16.79
C LYS A 274 -17.30 -14.54 -18.16
N LEU A 275 -17.02 -15.27 -19.24
CA LEU A 275 -17.32 -14.77 -20.58
C LEU A 275 -18.70 -14.13 -20.66
N ALA A 276 -19.72 -14.78 -20.12
CA ALA A 276 -21.01 -14.12 -20.14
C ALA A 276 -20.99 -12.82 -19.36
N LYS A 277 -19.99 -12.61 -18.51
CA LYS A 277 -19.88 -11.37 -17.75
C LYS A 277 -18.96 -10.37 -18.45
N TYR A 278 -17.78 -10.82 -18.89
CA TYR A 278 -16.82 -9.94 -19.55
C TYR A 278 -17.12 -9.77 -21.03
N GLY A 279 -17.57 -10.82 -21.70
CA GLY A 279 -17.45 -10.92 -23.14
C GLY A 279 -16.06 -11.16 -23.68
N ASP A 280 -16.05 -11.76 -24.87
CA ASP A 280 -14.85 -12.23 -25.55
C ASP A 280 -13.96 -11.13 -26.12
N LYS A 281 -14.43 -9.90 -26.27
CA LYS A 281 -13.63 -8.85 -26.90
C LYS A 281 -13.58 -7.59 -26.06
N ASN A 282 -12.35 -7.16 -25.74
CA ASN A 282 -12.07 -5.89 -25.09
C ASN A 282 -10.62 -5.51 -25.39
N THR A 283 -10.32 -4.24 -25.16
CA THR A 283 -8.95 -3.78 -24.94
C THR A 283 -8.36 -4.35 -23.65
N VAL A 284 -7.03 -4.53 -23.67
CA VAL A 284 -6.33 -4.97 -22.46
C VAL A 284 -6.68 -4.06 -21.30
N THR A 285 -6.60 -2.76 -21.51
CA THR A 285 -7.07 -1.81 -20.51
C THR A 285 -8.54 -2.03 -20.18
N GLY A 286 -9.37 -2.27 -21.19
CA GLY A 286 -10.78 -2.48 -20.94
C GLY A 286 -11.09 -3.74 -20.14
N TYR A 287 -10.47 -4.87 -20.49
CA TYR A 287 -10.47 -6.01 -19.58
C TYR A 287 -9.92 -5.71 -18.19
N LEU A 288 -8.63 -5.38 -18.12
CA LEU A 288 -8.04 -5.06 -16.82
C LEU A 288 -8.89 -4.05 -16.07
N SER A 289 -9.40 -3.05 -16.76
CA SER A 289 -10.49 -2.25 -16.21
C SER A 289 -11.61 -3.13 -15.70
N THR A 290 -12.19 -3.93 -16.59
CA THR A 290 -13.26 -4.86 -16.25
C THR A 290 -12.93 -5.76 -15.07
N TRP A 291 -11.86 -6.55 -15.15
CA TRP A 291 -11.54 -7.45 -14.05
C TRP A 291 -11.15 -6.70 -12.79
N LEU A 292 -10.25 -5.73 -12.88
CA LEU A 292 -9.87 -5.00 -11.68
C LEU A 292 -11.07 -4.27 -11.10
N SER A 293 -11.82 -3.57 -11.94
CA SER A 293 -13.00 -2.87 -11.47
C SER A 293 -14.11 -3.82 -11.04
N GLU A 294 -14.08 -5.08 -11.46
CA GLU A 294 -14.94 -6.09 -10.85
C GLU A 294 -14.75 -6.19 -9.34
N TRP A 295 -13.50 -6.22 -8.87
CA TRP A 295 -13.26 -6.19 -7.44
C TRP A 295 -13.96 -4.97 -6.85
N VAL A 296 -13.90 -3.85 -7.57
CA VAL A 296 -14.65 -2.68 -7.17
C VAL A 296 -16.14 -2.91 -7.38
N ARG A 297 -16.49 -3.53 -8.50
CA ARG A 297 -17.88 -3.89 -8.83
C ARG A 297 -18.50 -4.89 -7.86
N GLU A 298 -17.69 -5.74 -7.23
CA GLU A 298 -18.17 -6.90 -6.49
C GLU A 298 -18.09 -6.71 -4.99
N TYR A 299 -16.93 -6.25 -4.49
CA TYR A 299 -16.67 -6.02 -3.07
C TYR A 299 -16.56 -4.55 -2.71
N GLY A 300 -16.34 -3.67 -3.66
CA GLY A 300 -16.31 -2.25 -3.34
C GLY A 300 -14.99 -1.73 -2.84
N VAL A 301 -13.89 -2.38 -3.24
CA VAL A 301 -12.58 -1.91 -2.88
C VAL A 301 -12.49 -0.41 -3.15
N ASP A 302 -11.88 0.31 -2.22
CA ASP A 302 -11.98 1.77 -2.14
C ASP A 302 -10.97 2.48 -3.03
N GLY A 303 -9.83 1.88 -3.31
CA GLY A 303 -8.82 2.56 -4.08
C GLY A 303 -7.73 1.60 -4.48
N PHE A 304 -6.89 2.06 -5.40
CA PHE A 304 -5.70 1.34 -5.81
C PHE A 304 -4.49 2.21 -5.55
N ARG A 305 -3.50 1.65 -4.87
CA ARG A 305 -2.13 2.11 -5.08
C ARG A 305 -1.63 1.43 -6.34
N CYS A 306 -1.54 2.20 -7.42
CA CYS A 306 -0.91 1.71 -8.64
C CYS A 306 0.59 1.61 -8.43
N ASP A 307 1.09 0.39 -8.40
CA ASP A 307 2.50 0.14 -8.54
C ASP A 307 3.04 0.84 -9.78
N THR A 308 4.31 1.26 -9.70
CA THR A 308 5.11 1.63 -10.86
C THR A 308 4.37 2.53 -11.85
N ALA A 309 3.52 3.42 -11.33
CA ALA A 309 2.65 4.21 -12.21
C ALA A 309 3.41 4.85 -13.36
N LYS A 310 4.67 5.21 -13.12
CA LYS A 310 5.56 5.74 -14.14
C LYS A 310 5.71 4.88 -15.39
N HIS A 311 5.35 3.61 -15.34
CA HIS A 311 5.74 2.66 -16.39
C HIS A 311 4.65 2.24 -17.36
N VAL A 312 3.43 2.75 -17.27
CA VAL A 312 2.46 2.54 -18.34
C VAL A 312 1.62 3.78 -18.60
N ASP A 313 1.03 3.83 -19.80
CA ASP A 313 0.40 5.03 -20.33
C ASP A 313 -0.67 5.63 -19.42
N LYS A 314 -0.48 6.92 -19.14
CA LYS A 314 -1.43 7.68 -18.35
C LYS A 314 -2.85 7.63 -18.92
N ALA A 315 -2.97 7.66 -20.25
CA ALA A 315 -4.24 7.37 -20.91
C ALA A 315 -4.83 6.05 -20.47
N SER A 316 -4.01 5.01 -20.40
CA SER A 316 -4.49 3.71 -19.93
C SER A 316 -4.80 3.74 -18.45
N TRP A 317 -3.97 4.42 -17.66
CA TRP A 317 -4.34 4.70 -16.29
C TRP A 317 -5.63 5.51 -16.20
N ASN A 318 -5.87 6.39 -17.17
CA ASN A 318 -7.09 7.19 -17.18
C ASN A 318 -8.37 6.36 -17.29
N GLN A 319 -8.46 5.52 -18.31
CA GLN A 319 -9.54 4.54 -18.43
C GLN A 319 -9.78 3.76 -17.15
N LEU A 320 -8.72 3.15 -16.62
CA LEU A 320 -8.87 2.31 -15.44
C LEU A 320 -9.61 3.01 -14.31
N LYS A 321 -9.20 4.23 -13.96
CA LYS A 321 -9.94 4.96 -12.95
C LYS A 321 -11.42 5.13 -13.34
N GLN A 322 -11.67 5.63 -14.54
CA GLN A 322 -13.06 5.79 -15.01
C GLN A 322 -13.83 4.48 -14.96
N ALA A 323 -13.23 3.38 -15.40
CA ALA A 323 -13.81 2.07 -15.14
C ALA A 323 -14.09 1.84 -13.66
N CYS A 324 -13.05 1.93 -12.84
CA CYS A 324 -13.23 1.72 -11.40
C CYS A 324 -14.11 2.80 -10.79
N VAL A 325 -14.08 4.01 -11.33
CA VAL A 325 -15.12 4.99 -11.03
C VAL A 325 -16.50 4.45 -11.37
N SER A 326 -16.69 4.04 -12.62
CA SER A 326 -17.93 3.40 -13.05
C SER A 326 -18.29 2.18 -12.22
N ALA A 327 -17.32 1.28 -11.98
CA ALA A 327 -17.58 0.10 -11.17
C ALA A 327 -17.99 0.45 -9.74
N LEU A 328 -17.23 1.28 -9.05
CA LEU A 328 -17.62 1.61 -7.68
C LEU A 328 -19.00 2.25 -7.63
N ARG A 329 -19.32 3.10 -8.60
CA ARG A 329 -20.71 3.55 -8.72
C ARG A 329 -21.69 2.38 -8.78
N GLU A 330 -21.46 1.43 -9.67
CA GLU A 330 -22.29 0.22 -9.70
C GLU A 330 -22.35 -0.46 -8.34
N TRP A 331 -21.19 -0.88 -7.82
CA TRP A 331 -21.16 -1.52 -6.51
C TRP A 331 -21.92 -0.73 -5.48
N ARG A 332 -21.63 0.55 -5.36
CA ARG A 332 -22.38 1.42 -4.46
C ARG A 332 -23.87 1.46 -4.78
N SER A 333 -24.26 1.18 -6.02
CA SER A 333 -25.67 1.03 -6.36
C SER A 333 -26.25 -0.32 -5.94
N ASN A 334 -25.54 -1.41 -6.24
CA ASN A 334 -25.96 -2.73 -5.80
C ASN A 334 -26.14 -2.80 -4.30
N ASN A 335 -25.09 -2.50 -3.54
CA ASN A 335 -24.95 -2.88 -2.14
C ASN A 335 -25.54 -1.88 -1.16
N LYS A 336 -26.39 -0.96 -1.61
CA LYS A 336 -26.90 0.13 -0.78
C LYS A 336 -27.23 -0.33 0.64
N GLY A 337 -26.63 0.35 1.61
CA GLY A 337 -26.61 0.00 3.03
C GLY A 337 -25.60 -1.05 3.44
N LYS A 338 -24.89 -1.67 2.52
CA LYS A 338 -23.68 -2.39 2.89
C LYS A 338 -22.67 -1.40 3.46
N ALA A 339 -21.79 -1.90 4.32
CA ALA A 339 -20.60 -1.15 4.74
C ALA A 339 -19.81 -0.58 3.56
N GLY A 340 -19.84 0.75 3.40
CA GLY A 340 -19.16 1.45 2.32
C GLY A 340 -19.91 1.60 1.02
N ALA A 341 -21.14 1.09 0.92
CA ALA A 341 -21.97 1.36 -0.24
C ALA A 341 -22.28 2.85 -0.39
N ASP A 342 -22.31 3.58 0.72
CA ASP A 342 -22.70 4.99 0.74
C ASP A 342 -21.54 5.96 0.57
N TRP A 343 -20.30 5.50 0.56
CA TRP A 343 -19.19 6.41 0.32
C TRP A 343 -19.25 7.00 -1.09
N LYS A 344 -18.62 8.16 -1.23
CA LYS A 344 -18.87 9.16 -2.27
C LYS A 344 -17.63 9.59 -3.02
N GLU A 345 -16.50 9.77 -2.34
CA GLU A 345 -15.26 9.96 -3.08
C GLU A 345 -15.14 8.90 -4.15
N ASP A 346 -14.86 9.35 -5.37
CA ASP A 346 -14.64 8.42 -6.45
C ASP A 346 -13.44 7.54 -6.14
N PHE A 347 -13.29 6.52 -6.95
CA PHE A 347 -12.27 5.51 -6.70
C PHE A 347 -10.87 6.10 -6.72
N TRP A 348 -10.23 6.16 -5.57
CA TRP A 348 -8.96 6.85 -5.44
C TRP A 348 -7.83 6.03 -6.07
N MET A 349 -6.91 6.71 -6.75
CA MET A 349 -5.82 6.06 -7.44
C MET A 349 -4.53 6.81 -7.17
N THR A 350 -3.57 6.16 -6.50
CA THR A 350 -2.24 6.73 -6.27
C THR A 350 -1.14 5.96 -6.98
N GLY A 351 -0.21 6.71 -7.57
CA GLY A 351 0.86 6.15 -8.36
C GLY A 351 2.16 6.22 -7.58
N GLU A 352 2.88 5.10 -7.57
CA GLU A 352 4.27 5.05 -7.12
C GLU A 352 5.21 5.48 -8.23
N HIS A 353 5.20 6.77 -8.53
CA HIS A 353 6.31 7.34 -9.28
C HIS A 353 7.54 7.39 -8.40
N TRP A 354 8.59 6.67 -8.80
CA TRP A 354 9.77 6.54 -7.98
C TRP A 354 10.48 7.88 -7.86
N ASP A 355 10.77 8.26 -6.62
CA ASP A 355 11.44 9.51 -6.27
C ASP A 355 10.61 10.74 -6.61
N HIS A 356 9.30 10.59 -6.72
CA HIS A 356 8.44 11.76 -6.88
C HIS A 356 8.66 12.73 -5.73
N GLY A 357 8.89 13.99 -6.07
CA GLY A 357 8.80 15.04 -5.09
C GLY A 357 7.38 15.50 -4.84
N VAL A 358 7.25 16.78 -4.51
CA VAL A 358 5.99 17.50 -4.51
C VAL A 358 5.90 18.43 -5.72
N GLY A 359 5.07 18.09 -6.70
CA GLY A 359 4.77 19.03 -7.77
C GLY A 359 3.86 18.52 -8.86
N TYR A 360 2.85 19.35 -9.14
CA TYR A 360 1.75 19.05 -10.05
C TYR A 360 2.23 18.65 -11.43
N ASP A 361 1.83 17.47 -11.87
CA ASP A 361 2.29 16.92 -13.14
C ASP A 361 1.16 16.09 -13.77
N THR A 362 1.41 15.66 -15.00
CA THR A 362 0.37 15.06 -15.82
C THR A 362 -0.25 13.78 -15.25
N TYR A 363 0.43 13.06 -14.35
CA TYR A 363 -0.27 12.00 -13.60
C TYR A 363 -1.62 12.48 -13.06
N TYR A 364 -1.69 13.69 -12.55
CA TYR A 364 -2.96 14.24 -12.07
C TYR A 364 -3.91 14.69 -13.18
N SER A 365 -3.55 14.52 -14.45
CA SER A 365 -4.37 15.01 -15.54
C SER A 365 -4.49 13.98 -16.65
N GLU A 366 -3.43 13.75 -17.42
CA GLU A 366 -3.37 12.54 -18.26
C GLU A 366 -3.67 11.29 -17.46
N GLY A 367 -2.99 11.08 -16.34
CA GLY A 367 -3.17 9.88 -15.56
C GLY A 367 -4.44 9.83 -14.75
N GLY A 368 -5.05 10.98 -14.48
CA GLY A 368 -6.17 11.04 -13.56
C GLY A 368 -5.87 10.58 -12.15
N PHE A 369 -4.59 10.36 -11.84
CA PHE A 369 -4.22 10.02 -10.48
C PHE A 369 -4.65 11.11 -9.51
N ASP A 370 -5.16 10.69 -8.37
CA ASP A 370 -5.38 11.59 -7.24
C ASP A 370 -4.10 11.88 -6.48
N SER A 371 -3.11 10.98 -6.51
CA SER A 371 -2.03 11.04 -5.54
C SER A 371 -0.79 10.39 -6.15
N MET A 372 0.36 10.86 -5.70
CA MET A 372 1.68 10.29 -5.94
C MET A 372 2.41 10.01 -4.62
N ILE A 373 3.18 8.92 -4.61
CA ILE A 373 4.03 8.62 -3.45
C ILE A 373 5.24 9.55 -3.45
N ASN A 374 5.37 10.33 -2.37
CA ASN A 374 6.42 11.33 -2.18
C ASN A 374 7.63 10.73 -1.46
N PHE A 375 8.76 10.67 -2.15
CA PHE A 375 9.96 10.01 -1.64
C PHE A 375 10.88 10.93 -0.85
N ALA A 376 10.70 12.25 -0.96
CA ALA A 376 11.62 13.20 -0.35
C ALA A 376 11.75 13.03 1.17
N VAL A 377 10.79 12.36 1.82
CA VAL A 377 10.85 12.16 3.27
C VAL A 377 11.65 10.93 3.68
N THR A 378 12.03 10.08 2.74
CA THR A 378 12.80 8.88 3.06
C THR A 378 13.99 9.22 3.94
N GLY A 379 14.26 8.33 4.90
CA GLY A 379 15.35 8.45 5.85
C GLY A 379 15.24 9.59 6.83
N GLY A 380 14.13 10.33 6.84
CA GLY A 380 13.95 11.40 7.80
C GLY A 380 14.85 12.60 7.61
N GLY A 381 15.55 12.70 6.49
CA GLY A 381 16.46 13.83 6.30
C GLY A 381 15.72 15.14 6.27
N ALA A 382 14.60 15.19 5.56
CA ALA A 382 13.67 16.31 5.62
C ALA A 382 13.06 16.51 6.99
N LEU A 383 13.21 15.55 7.90
CA LEU A 383 12.62 15.65 9.23
C LEU A 383 13.62 16.08 10.30
N ALA A 384 14.92 16.12 9.97
CA ALA A 384 15.88 16.70 10.89
C ALA A 384 15.42 18.05 11.37
N SER A 385 15.55 18.29 12.68
CA SER A 385 15.04 19.52 13.28
C SER A 385 15.66 20.77 12.66
N GLY A 386 16.80 20.64 11.99
CA GLY A 386 17.36 21.72 11.20
C GLY A 386 16.67 22.01 9.88
N SER A 387 15.65 21.24 9.49
CA SER A 387 15.02 21.46 8.19
C SER A 387 13.51 21.34 8.27
N VAL A 388 13.01 20.44 9.12
CA VAL A 388 11.60 20.05 9.07
C VAL A 388 10.68 21.25 9.19
N ALA A 389 11.14 22.32 9.83
CA ALA A 389 10.37 23.56 9.83
C ALA A 389 9.89 23.97 8.44
N ASN A 390 10.81 24.00 7.47
CA ASN A 390 10.49 24.34 6.08
C ASN A 390 9.84 23.22 5.29
N THR A 391 10.21 21.96 5.55
CA THR A 391 9.57 20.85 4.85
C THR A 391 8.05 20.90 4.95
N TYR A 392 7.50 21.20 6.13
CA TYR A 392 6.05 21.28 6.25
C TYR A 392 5.46 22.49 5.52
N GLN A 393 6.19 23.59 5.42
CA GLN A 393 5.81 24.68 4.52
C GLN A 393 5.81 24.28 3.05
N GLY A 394 6.95 23.80 2.55
CA GLY A 394 7.04 23.42 1.16
C GLY A 394 5.99 22.44 0.67
N TYR A 395 5.57 21.50 1.51
CA TYR A 395 4.50 20.58 1.11
C TYR A 395 3.11 21.18 1.20
N ALA A 396 2.75 21.82 2.31
CA ALA A 396 1.40 22.33 2.45
C ALA A 396 1.04 23.37 1.39
N ASP A 397 1.95 24.31 1.10
CA ASP A 397 1.71 25.23 -0.03
C ASP A 397 1.41 24.51 -1.33
N LYS A 398 2.27 23.58 -1.72
CA LYS A 398 2.10 22.87 -3.00
C LYS A 398 0.84 22.01 -3.01
N ILE A 399 0.77 21.03 -2.11
CA ILE A 399 -0.29 20.03 -2.17
C ILE A 399 -1.64 20.60 -1.78
N ASN A 400 -1.74 21.22 -0.61
CA ASN A 400 -3.07 21.50 -0.08
C ASN A 400 -3.73 22.71 -0.73
N THR A 401 -3.10 23.32 -1.73
CA THR A 401 -3.71 24.37 -2.52
C THR A 401 -4.27 23.92 -3.87
N LYS A 402 -3.83 22.79 -4.41
CA LYS A 402 -4.24 22.36 -5.74
C LYS A 402 -5.09 21.09 -5.60
N GLU A 403 -6.37 21.18 -5.96
CA GLU A 403 -7.23 20.01 -6.04
C GLU A 403 -6.85 19.08 -7.18
N GLY A 404 -7.06 17.79 -6.95
CA GLY A 404 -6.55 16.74 -7.79
C GLY A 404 -5.06 16.57 -7.65
N PHE A 405 -4.45 17.30 -6.73
CA PHE A 405 -3.03 17.23 -6.40
C PHE A 405 -2.85 16.72 -4.98
N ASN A 406 -2.15 15.61 -4.83
CA ASN A 406 -1.83 15.13 -3.50
C ASN A 406 -0.61 14.22 -3.60
N VAL A 407 -0.01 13.95 -2.44
CA VAL A 407 1.10 13.02 -2.31
C VAL A 407 0.85 12.05 -1.17
N LEU A 408 1.71 11.03 -1.10
CA LEU A 408 1.68 10.03 -0.04
C LEU A 408 3.12 9.88 0.46
N SER A 409 3.43 10.67 1.49
CA SER A 409 4.75 10.68 2.11
C SER A 409 5.01 9.42 2.92
N PHE A 410 6.24 8.92 2.85
CA PHE A 410 6.63 7.71 3.54
C PHE A 410 8.06 7.89 4.03
N MET A 411 8.41 7.20 5.13
CA MET A 411 9.78 7.15 5.59
C MET A 411 10.34 5.74 5.74
N SER A 412 9.50 4.71 5.66
CA SER A 412 9.96 3.36 5.39
C SER A 412 9.03 2.76 4.36
N SER A 413 9.55 1.82 3.58
CA SER A 413 8.72 1.13 2.61
C SER A 413 9.25 -0.26 2.34
N HIS A 414 8.48 -1.00 1.56
CA HIS A 414 8.86 -2.33 1.12
C HIS A 414 10.05 -2.32 0.18
N ASP A 415 10.46 -1.16 -0.30
CA ASP A 415 11.56 -1.04 -1.25
C ASP A 415 12.62 -0.03 -0.87
N GLU A 416 12.31 0.96 -0.04
CA GLU A 416 13.21 2.08 0.15
C GLU A 416 14.15 1.90 1.34
N THR A 417 13.69 2.25 2.54
CA THR A 417 14.49 2.14 3.75
C THR A 417 13.61 1.69 4.90
N LEU A 418 14.28 1.34 6.00
CA LEU A 418 13.59 0.91 7.21
C LEU A 418 14.36 1.55 8.36
N THR A 419 13.77 2.60 8.93
CA THR A 419 14.54 3.65 9.58
C THR A 419 14.65 3.31 11.07
N ARG A 420 15.87 3.10 11.53
CA ARG A 420 16.11 2.67 12.90
C ARG A 420 17.26 3.43 13.52
N GLY A 421 17.20 3.54 14.85
CA GLY A 421 18.16 4.35 15.58
C GLY A 421 17.77 4.41 17.04
N ASP A 422 18.36 5.36 17.75
CA ASP A 422 18.09 5.51 19.17
C ASP A 422 16.60 5.62 19.44
N GLU A 423 16.21 5.19 20.64
CA GLU A 423 14.82 5.29 21.08
C GLU A 423 14.26 6.68 20.79
N ASN A 424 15.05 7.72 21.07
CA ASN A 424 14.63 9.10 20.83
C ASN A 424 14.46 9.38 19.34
N THR A 425 15.34 8.85 18.50
CA THR A 425 15.17 9.05 17.07
C THR A 425 13.93 8.35 16.55
N MET A 426 13.65 7.13 17.00
CA MET A 426 12.38 6.50 16.63
C MET A 426 11.23 7.29 17.20
N LEU A 427 11.31 7.67 18.47
CA LEU A 427 10.30 8.55 19.06
C LEU A 427 10.18 9.84 18.27
N TYR A 428 11.32 10.48 18.00
CA TYR A 428 11.29 11.75 17.29
C TYR A 428 10.77 11.61 15.87
N ASN A 429 11.35 10.71 15.08
CA ASN A 429 10.90 10.58 13.70
C ASN A 429 9.45 10.13 13.64
N ALA A 430 9.00 9.36 14.63
CA ALA A 430 7.60 9.00 14.71
C ALA A 430 6.71 10.24 14.73
N ALA A 431 7.08 11.25 15.52
CA ALA A 431 6.35 12.50 15.49
C ALA A 431 6.62 13.30 14.22
N ALA A 432 7.90 13.56 13.93
CA ALA A 432 8.24 14.39 12.78
C ALA A 432 7.71 13.81 11.48
N PHE A 433 7.57 12.49 11.38
CA PHE A 433 7.08 11.85 10.16
C PHE A 433 5.57 12.00 9.98
N LEU A 434 4.79 11.39 10.88
CA LEU A 434 3.35 11.32 10.68
C LEU A 434 2.70 12.70 10.65
N LEU A 435 3.35 13.71 11.19
CA LEU A 435 2.80 15.06 11.11
C LEU A 435 2.90 15.67 9.72
N LEU A 436 3.53 15.01 8.75
CA LEU A 436 3.67 15.60 7.42
C LEU A 436 2.31 15.91 6.79
N PRO A 437 2.21 17.01 6.03
CA PRO A 437 1.10 17.18 5.09
C PRO A 437 1.03 16.12 4.01
N GLY A 438 -0.16 15.98 3.43
CA GLY A 438 -0.49 14.87 2.56
C GLY A 438 -0.80 13.60 3.31
N GLY A 439 -0.95 12.52 2.54
CA GLY A 439 -1.01 11.20 3.13
C GLY A 439 0.33 10.79 3.71
N VAL A 440 0.28 9.85 4.65
CA VAL A 440 1.48 9.15 5.08
C VAL A 440 1.29 7.64 5.00
N GLN A 441 2.35 6.94 4.64
CA GLN A 441 2.43 5.49 4.61
C GLN A 441 3.10 5.01 5.89
N ILE A 442 2.31 4.52 6.85
CA ILE A 442 2.85 3.70 7.92
C ILE A 442 3.15 2.32 7.36
N PHE A 443 4.42 2.05 7.09
CA PHE A 443 4.83 0.69 6.75
C PHE A 443 4.90 -0.16 8.01
N TYR A 444 4.40 -1.38 7.91
CA TYR A 444 4.09 -2.19 9.08
C TYR A 444 5.31 -2.41 9.98
N GLY A 445 5.05 -2.38 11.29
CA GLY A 445 6.07 -2.59 12.30
C GLY A 445 7.02 -1.46 12.56
N ASP A 446 6.92 -0.35 11.83
CA ASP A 446 7.60 0.86 12.26
C ASP A 446 7.11 1.31 13.62
N GLU A 447 5.81 1.20 13.86
CA GLU A 447 5.24 1.41 15.19
C GLU A 447 5.87 0.53 16.26
N THR A 448 6.33 -0.66 15.91
CA THR A 448 6.77 -1.65 16.89
C THR A 448 8.28 -1.74 16.99
N ASN A 449 9.02 -0.91 16.27
CA ASN A 449 10.46 -1.12 16.11
C ASN A 449 10.77 -2.44 15.43
N ARG A 450 9.92 -2.83 14.50
CA ARG A 450 10.15 -4.09 13.83
C ARG A 450 11.54 -4.05 13.21
N PRO A 451 12.44 -4.97 13.56
CA PRO A 451 13.79 -4.91 13.03
C PRO A 451 13.86 -5.39 11.60
N LEU A 452 15.00 -5.13 10.98
CA LEU A 452 15.38 -5.86 9.79
C LEU A 452 15.44 -7.35 10.11
N TYR A 453 15.22 -8.19 9.11
CA TYR A 453 15.35 -9.61 9.37
C TYR A 453 16.83 -9.94 9.58
N PRO A 454 17.19 -10.66 10.64
CA PRO A 454 18.55 -11.20 10.74
C PRO A 454 18.83 -12.10 9.55
N GLY A 455 19.79 -11.70 8.73
CA GLY A 455 20.05 -12.51 7.55
C GLY A 455 20.76 -11.71 6.47
N VAL A 456 20.46 -12.08 5.21
CA VAL A 456 21.19 -11.55 4.07
C VAL A 456 21.10 -10.03 4.02
N ALA A 457 22.21 -9.41 3.62
CA ALA A 457 22.46 -7.99 3.83
C ALA A 457 21.40 -7.10 3.18
N PHE A 458 21.33 -5.87 3.70
CA PHE A 458 20.29 -4.91 3.38
C PHE A 458 20.11 -4.74 1.88
N ASP A 459 18.85 -4.53 1.48
CA ASP A 459 18.48 -4.54 0.06
C ASP A 459 17.37 -3.53 -0.25
N GLY A 460 17.25 -2.46 0.54
CA GLY A 460 16.37 -1.36 0.23
C GLY A 460 16.82 -0.41 -0.86
N TYR A 461 16.43 0.86 -0.75
CA TYR A 461 16.71 1.89 -1.76
C TYR A 461 16.23 1.47 -3.15
N GLY A 462 15.02 0.94 -3.21
CA GLY A 462 14.48 0.44 -4.45
C GLY A 462 14.90 -0.96 -4.83
N GLY A 463 15.71 -1.62 -4.01
CA GLY A 463 15.94 -3.04 -4.16
C GLY A 463 14.76 -3.84 -3.66
N SER A 464 15.00 -5.15 -3.55
CA SER A 464 13.92 -6.07 -3.21
C SER A 464 13.39 -5.84 -1.80
N GLY A 465 14.11 -5.10 -0.96
CA GLY A 465 13.56 -4.70 0.32
C GLY A 465 13.22 -5.83 1.25
N HIS A 466 13.78 -7.02 1.02
CA HIS A 466 13.56 -8.13 1.94
C HIS A 466 14.05 -7.79 3.35
N ALA A 467 15.14 -7.03 3.46
CA ALA A 467 15.56 -6.52 4.76
C ALA A 467 14.43 -5.80 5.46
N LEU A 468 13.61 -5.10 4.70
CA LEU A 468 12.53 -4.30 5.23
C LEU A 468 11.28 -5.12 5.53
N ARG A 469 11.14 -6.29 4.91
CA ARG A 469 9.92 -7.10 4.96
C ARG A 469 10.05 -8.30 5.89
N SER A 470 10.82 -8.17 6.97
CA SER A 470 10.87 -9.22 7.97
C SER A 470 9.47 -9.48 8.53
N ASP A 471 9.34 -10.63 9.18
CA ASP A 471 8.09 -10.98 9.84
C ASP A 471 7.73 -9.97 10.91
N MET A 472 6.45 -9.70 11.05
CA MET A 472 5.95 -8.83 12.11
C MET A 472 6.29 -9.41 13.49
N ASN A 473 7.07 -8.65 14.26
CA ASN A 473 7.63 -9.11 15.54
C ASN A 473 6.60 -9.02 16.67
N TRP A 474 5.46 -9.67 16.47
CA TRP A 474 4.38 -9.70 17.46
C TRP A 474 4.87 -10.06 18.86
N ASN A 475 5.91 -10.89 18.96
CA ASN A 475 6.44 -11.28 20.27
C ASN A 475 7.03 -10.11 21.05
N ASP A 476 7.50 -9.06 20.37
CA ASP A 476 8.50 -8.17 20.94
C ASP A 476 8.18 -6.70 20.69
N MET A 477 6.91 -6.37 20.50
CA MET A 477 6.46 -5.02 20.18
C MET A 477 7.00 -4.01 21.19
N ASP A 478 7.71 -3.00 20.68
CA ASP A 478 8.30 -1.94 21.50
C ASP A 478 7.22 -1.02 22.04
N LYS A 479 6.61 -1.46 23.14
CA LYS A 479 5.38 -0.86 23.64
C LYS A 479 5.51 0.65 23.80
N THR A 480 6.69 1.11 24.20
CA THR A 480 6.94 2.55 24.31
C THR A 480 6.87 3.23 22.96
N LEU A 481 7.60 2.72 21.97
CA LEU A 481 7.50 3.30 20.63
C LEU A 481 6.09 3.15 20.07
N LEU A 482 5.46 2.00 20.34
CA LEU A 482 4.07 1.80 19.97
C LEU A 482 3.18 2.94 20.48
N ALA A 483 3.25 3.23 21.78
CA ALA A 483 2.54 4.37 22.34
C ALA A 483 2.73 5.62 21.50
N GLN A 484 3.97 5.94 21.15
CA GLN A 484 4.25 7.11 20.33
C GLN A 484 3.47 7.07 19.01
N TRP A 485 3.66 6.02 18.22
CA TRP A 485 2.95 5.93 16.95
C TRP A 485 1.45 5.85 17.13
N GLN A 486 0.99 5.21 18.20
CA GLN A 486 -0.44 5.23 18.51
C GLN A 486 -0.93 6.64 18.78
N LYS A 487 -0.26 7.35 19.67
CA LYS A 487 -0.72 8.67 20.06
C LYS A 487 -0.68 9.64 18.88
N VAL A 488 0.42 9.64 18.14
CA VAL A 488 0.54 10.48 16.95
C VAL A 488 -0.42 10.02 15.85
N GLY A 489 -0.51 8.71 15.62
CA GLY A 489 -1.38 8.21 14.56
C GLY A 489 -2.84 8.47 14.83
N GLN A 490 -3.29 8.25 16.06
CA GLN A 490 -4.65 8.61 16.42
C GLN A 490 -4.88 10.10 16.26
N PHE A 491 -3.91 10.90 16.67
CA PHE A 491 -3.99 12.35 16.47
C PHE A 491 -4.14 12.72 15.00
N ARG A 492 -3.24 12.23 14.15
CA ARG A 492 -3.38 12.46 12.72
C ARG A 492 -4.72 12.02 12.17
N ASN A 493 -5.17 10.83 12.53
CA ASN A 493 -6.40 10.30 11.98
C ASN A 493 -7.58 11.20 12.30
N LYS A 494 -7.65 11.67 13.53
CA LYS A 494 -8.73 12.56 13.93
C LYS A 494 -8.64 13.89 13.20
N HIS A 495 -7.44 14.39 12.92
CA HIS A 495 -7.23 15.72 12.37
C HIS A 495 -6.84 15.71 10.89
N VAL A 496 -7.86 15.76 10.05
CA VAL A 496 -7.73 15.83 8.59
C VAL A 496 -6.85 16.98 8.14
N SER A 497 -6.85 18.09 8.89
CA SER A 497 -5.96 19.20 8.56
C SER A 497 -4.49 18.83 8.58
N ILE A 498 -4.11 17.74 9.24
CA ILE A 498 -2.69 17.38 9.30
C ILE A 498 -2.17 17.07 7.90
N GLY A 499 -2.95 16.33 7.12
CA GLY A 499 -2.61 16.12 5.72
C GLY A 499 -3.08 17.23 4.81
N ALA A 500 -4.34 17.64 4.98
CA ALA A 500 -5.03 18.51 4.04
C ALA A 500 -4.85 19.99 4.32
N GLY A 501 -4.29 20.38 5.46
CA GLY A 501 -4.28 21.76 5.88
C GLY A 501 -3.06 22.56 5.43
N ALA A 502 -3.25 23.87 5.31
CA ALA A 502 -2.16 24.81 5.12
C ALA A 502 -1.28 24.93 6.37
N ASN A 503 0.03 24.70 6.17
CA ASN A 503 1.03 24.83 7.21
C ASN A 503 1.25 26.28 7.63
N VAL A 504 1.19 26.55 8.94
CA VAL A 504 1.76 27.77 9.52
C VAL A 504 2.88 27.38 10.47
N LYS A 505 4.09 27.87 10.17
CA LYS A 505 5.23 27.81 11.09
C LYS A 505 4.97 28.59 12.37
N LEU A 506 5.32 27.98 13.49
CA LEU A 506 5.08 28.52 14.83
C LEU A 506 6.40 28.64 15.59
N SER A 507 6.40 29.55 16.56
CA SER A 507 7.56 29.86 17.39
C SER A 507 7.46 29.17 18.76
N ALA A 508 8.49 28.39 19.08
CA ALA A 508 8.51 27.57 20.29
C ALA A 508 9.86 27.74 20.99
N THR A 509 9.85 27.47 22.30
CA THR A 509 11.07 27.47 23.09
C THR A 509 12.10 26.44 22.63
N SER A 510 11.66 25.30 22.09
CA SER A 510 12.62 24.25 21.76
C SER A 510 12.10 23.39 20.62
N GLY A 511 13.03 22.72 19.96
CA GLY A 511 12.65 21.86 18.87
C GLY A 511 12.00 22.62 17.74
N VAL A 512 10.91 22.06 17.20
CA VAL A 512 10.20 22.64 16.08
C VAL A 512 8.70 22.60 16.34
N ALA A 513 7.99 23.61 15.86
CA ALA A 513 6.55 23.69 16.02
C ALA A 513 5.94 24.22 14.73
N PHE A 514 4.66 23.91 14.56
CA PHE A 514 3.89 24.37 13.41
C PHE A 514 2.41 24.31 13.74
N GLY A 515 1.62 25.01 12.93
CA GLY A 515 0.18 24.78 12.91
C GLY A 515 -0.33 24.44 11.53
N ARG A 516 -1.54 23.87 11.43
CA ARG A 516 -2.18 23.69 10.14
C ARG A 516 -3.65 24.10 10.20
N THR A 517 -4.12 24.69 9.11
CA THR A 517 -5.52 24.96 8.90
C THR A 517 -5.98 24.26 7.62
N TYR A 518 -7.21 23.75 7.65
CA TYR A 518 -7.88 23.23 6.47
C TYR A 518 -9.29 23.79 6.43
N ASP A 519 -9.70 24.25 5.26
CA ASP A 519 -10.96 24.98 5.11
C ASP A 519 -11.46 24.76 3.69
N LYS A 520 -11.98 23.56 3.44
CA LYS A 520 -12.61 23.22 2.17
C LYS A 520 -13.83 22.38 2.49
N ASN A 521 -14.76 22.32 1.53
CA ASN A 521 -15.79 21.29 1.56
C ASN A 521 -16.50 21.24 2.91
N GLY A 522 -16.49 22.36 3.63
CA GLY A 522 -16.93 22.39 5.01
C GLY A 522 -16.02 21.68 5.99
N VAL A 523 -14.89 21.12 5.55
CA VAL A 523 -14.02 20.34 6.43
C VAL A 523 -13.63 21.16 7.66
N THR A 524 -13.23 22.41 7.45
CA THR A 524 -13.12 23.39 8.54
C THR A 524 -12.40 22.81 9.76
N ASP A 525 -11.09 22.63 9.60
CA ASP A 525 -10.26 21.94 10.59
C ASP A 525 -8.94 22.69 10.74
N GLN A 526 -8.38 22.67 11.95
CA GLN A 526 -7.05 23.18 12.22
C GLN A 526 -6.42 22.48 13.41
N ALA A 527 -5.10 22.30 13.36
CA ALA A 527 -4.37 21.51 14.34
C ALA A 527 -2.91 21.94 14.34
N ALA A 528 -2.21 21.64 15.44
CA ALA A 528 -0.82 22.04 15.59
C ALA A 528 -0.04 20.92 16.27
N ALA A 529 1.28 21.11 16.38
CA ALA A 529 2.14 20.20 17.12
C ALA A 529 3.42 20.92 17.52
N VAL A 530 4.17 20.31 18.43
CA VAL A 530 5.57 20.61 18.64
C VAL A 530 6.35 19.30 18.63
N ILE A 531 7.50 19.31 17.94
CA ILE A 531 8.32 18.12 17.76
C ILE A 531 9.63 18.31 18.51
N GLY A 532 10.05 17.28 19.23
CA GLY A 532 11.37 17.30 19.83
C GLY A 532 11.58 18.33 20.91
N CYS A 533 10.52 18.84 21.52
CA CYS A 533 10.69 19.76 22.64
C CYS A 533 11.41 19.07 23.78
N ASN A 534 12.32 19.81 24.43
CA ASN A 534 13.03 19.27 25.59
C ASN A 534 12.06 18.73 26.63
N LYS A 535 12.44 17.59 27.20
CA LYS A 535 11.52 16.71 27.89
C LYS A 535 10.98 17.35 29.17
N ASN A 536 9.83 16.85 29.59
CA ASN A 536 9.25 17.12 30.91
C ASN A 536 9.13 18.60 31.25
N SER A 537 8.96 19.48 30.27
CA SER A 537 9.13 20.90 30.52
C SER A 537 8.09 21.70 29.74
N SER A 538 7.83 22.92 30.24
CA SER A 538 6.81 23.77 29.66
C SER A 538 7.28 24.31 28.31
N VAL A 539 6.53 23.97 27.25
CA VAL A 539 7.05 24.19 25.90
C VAL A 539 6.95 25.65 25.45
N THR A 540 5.91 26.37 25.86
CA THR A 540 5.73 27.77 25.47
C THR A 540 5.91 27.96 23.95
N VAL A 541 4.96 27.40 23.20
CA VAL A 541 4.94 27.51 21.74
C VAL A 541 3.83 28.48 21.33
N ASP A 542 4.21 29.49 20.54
CA ASP A 542 3.31 30.48 19.97
C ASP A 542 2.38 29.85 18.92
N VAL A 543 1.12 29.61 19.30
CA VAL A 543 0.09 29.12 18.37
C VAL A 543 -0.85 30.24 17.95
N SER A 544 -0.51 31.50 18.21
CA SER A 544 -1.44 32.60 17.93
C SER A 544 -1.93 32.62 16.49
N THR A 545 -1.17 32.07 15.54
CA THR A 545 -1.67 32.03 14.17
C THR A 545 -2.82 31.05 13.98
N LEU A 546 -2.84 29.92 14.68
CA LEU A 546 -4.03 29.08 14.65
C LEU A 546 -5.08 29.57 15.64
N TRP A 547 -4.70 29.72 16.90
CA TRP A 547 -5.64 29.79 18.00
C TRP A 547 -5.54 31.15 18.68
N GLU A 548 -6.68 31.82 18.78
CA GLU A 548 -6.83 32.92 19.72
C GLU A 548 -6.61 32.46 21.16
N ASP A 549 -6.22 33.41 22.01
CA ASP A 549 -5.56 33.08 23.25
C ASP A 549 -6.47 32.42 24.27
N GLY A 550 -7.77 32.33 24.03
CA GLY A 550 -8.62 31.54 24.88
C GLY A 550 -8.83 30.12 24.42
N SER A 551 -8.27 29.74 23.28
CA SER A 551 -8.44 28.39 22.78
C SER A 551 -7.73 27.41 23.70
N TYR A 552 -8.30 26.22 23.84
CA TYR A 552 -7.60 25.13 24.50
C TYR A 552 -7.08 24.19 23.42
N VAL A 553 -5.77 24.03 23.38
CA VAL A 553 -5.19 22.80 22.90
C VAL A 553 -5.49 21.71 23.93
N ILE A 554 -5.72 20.50 23.46
CA ILE A 554 -5.43 19.31 24.24
C ILE A 554 -4.19 18.65 23.68
N ASN A 555 -3.20 18.43 24.54
CA ASN A 555 -2.03 17.64 24.16
C ASN A 555 -2.43 16.18 24.16
N THR A 556 -2.91 15.72 23.01
CA THR A 556 -3.38 14.34 22.89
C THR A 556 -2.29 13.31 23.18
N TYR A 557 -1.03 13.73 23.33
CA TYR A 557 -0.04 12.77 23.78
C TYR A 557 -0.34 12.27 25.18
N ASP A 558 -0.93 13.11 26.02
CA ASP A 558 -1.24 12.69 27.39
C ASP A 558 -2.57 13.27 27.87
N ASN A 559 -3.35 13.89 26.99
CA ASN A 559 -4.60 14.53 27.36
C ASN A 559 -4.39 15.68 28.33
N SER A 560 -3.16 16.15 28.50
CA SER A 560 -2.95 17.38 29.26
C SER A 560 -3.52 18.56 28.50
N SER A 561 -3.93 19.59 29.25
CA SER A 561 -4.55 20.78 28.70
C SER A 561 -3.78 22.01 29.11
N SER A 562 -3.62 22.95 28.18
CA SER A 562 -2.96 24.22 28.45
C SER A 562 -3.58 25.24 27.51
N VAL A 563 -4.29 26.22 28.09
CA VAL A 563 -4.85 27.29 27.30
C VAL A 563 -3.73 28.11 26.69
N VAL A 564 -4.00 28.67 25.51
CA VAL A 564 -3.07 29.62 24.91
C VAL A 564 -2.91 30.81 25.84
N THR A 565 -1.74 31.42 25.79
CA THR A 565 -1.47 32.65 26.53
C THR A 565 -0.54 33.51 25.70
N ASP A 566 -1.01 34.69 25.31
CA ASP A 566 -0.23 35.61 24.48
C ASP A 566 0.33 34.87 23.27
N GLY A 567 -0.49 34.00 22.69
CA GLY A 567 -0.09 33.16 21.60
C GLY A 567 0.57 31.86 22.01
N LYS A 568 1.17 31.81 23.20
CA LYS A 568 1.89 30.61 23.59
C LYS A 568 0.94 29.64 24.29
N VAL A 569 1.30 28.36 24.26
CA VAL A 569 0.75 27.36 25.16
C VAL A 569 1.89 26.75 25.97
N THR A 570 1.55 26.31 27.18
CA THR A 570 2.56 25.88 28.14
C THR A 570 2.28 24.44 28.56
N PHE A 571 2.35 23.52 27.60
CA PHE A 571 2.28 22.10 27.90
C PHE A 571 3.60 21.56 28.44
N ASN A 572 3.49 20.61 29.36
CA ASN A 572 4.57 19.68 29.65
C ASN A 572 4.87 18.79 28.46
N SER A 573 6.13 18.85 28.01
CA SER A 573 6.60 18.10 26.85
C SER A 573 6.68 16.60 27.10
N GLY A 574 6.60 16.17 28.35
CA GLY A 574 6.55 14.76 28.69
C GLY A 574 7.81 13.96 28.37
N VAL A 575 7.66 12.64 28.45
CA VAL A 575 8.81 11.75 28.35
C VAL A 575 9.49 11.86 27.00
N ASN A 576 8.72 12.08 25.93
CA ASN A 576 9.23 12.01 24.57
C ASN A 576 9.27 13.37 23.90
N GLY A 577 8.97 14.43 24.65
CA GLY A 577 9.15 15.76 24.13
C GLY A 577 8.28 16.09 22.95
N THR A 578 7.18 15.37 22.78
CA THR A 578 6.33 15.47 21.60
C THR A 578 4.97 15.94 22.08
N ILE A 579 4.45 16.98 21.46
CA ILE A 579 3.21 17.61 21.88
C ILE A 579 2.28 17.68 20.69
N LEU A 580 1.06 17.16 20.84
CA LEU A 580 0.15 16.91 19.72
C LEU A 580 -1.11 17.71 20.01
N MET A 581 -1.15 18.91 19.44
CA MET A 581 -1.92 20.01 20.00
C MET A 581 -3.18 20.21 19.18
N GLU A 582 -4.25 19.51 19.54
CA GLU A 582 -5.51 19.71 18.84
C GLU A 582 -6.27 20.85 19.47
N ASN A 583 -7.18 21.43 18.72
CA ASN A 583 -8.23 22.21 19.35
C ASN A 583 -9.12 21.29 20.18
N ALA A 584 -9.42 21.71 21.40
CA ALA A 584 -10.35 20.99 22.25
C ALA A 584 -11.72 20.91 21.61
#